data_2PKL
#
_entry.id   2PKL
#
_cell.length_a   55.070
_cell.length_b   66.430
_cell.length_c   72.760
_cell.angle_alpha   90.00
_cell.angle_beta   90.00
_cell.angle_gamma   90.00
#
_symmetry.space_group_name_H-M   'P 21 21 21'
#
loop_
_entity.id
_entity.type
_entity.pdbx_description
1 polymer 'Androgen receptor'
2 polymer 'ARA70 peptide'
3 non-polymer 5-ALPHA-DIHYDROTESTOSTERONE
4 non-polymer '[4-(4-HYDROXY-3-IODO-PHENOXY)-3,5-DIIODO-PHENYL]-ACETIC ACID'
5 water water
#
loop_
_entity_poly.entity_id
_entity_poly.type
_entity_poly.pdbx_seq_one_letter_code
_entity_poly.pdbx_strand_id
1 'polypeptide(L)'
;CQPIFLNVLEAIEPGVVCAGHDNNQPDSFAALLSSLNELGERQLVHVVKWAKALPGFRNLHVDDQMAVIQYSWMGLMVFA
MGWRSFTNVNSRMLYFAPDLVFNEYRMHKSRMYSQCVRMRHLSQEFGWLQITPQEFLCMKALLLFSIIPVDGLKNQKFFD
ELRMNYIKELDRIIACKRKNPTSCSRRFYQLTKLLDSVQPIARELHQFTFDLLIKSHMVSVDFPEMMAEIISVQVPKILS
GKVKPIYFHTQ
;
A
2 'polypeptide(L)' KLLF B
#
# COMPACT_ATOMS: atom_id res chain seq x y z
N GLN A 2 22.95 -15.92 -0.62
CA GLN A 2 21.84 -16.80 -0.17
C GLN A 2 20.54 -15.97 -0.14
N PRO A 3 19.51 -16.44 -0.85
CA PRO A 3 18.22 -15.75 -0.92
C PRO A 3 17.25 -16.14 0.19
N ILE A 4 17.73 -16.20 1.42
CA ILE A 4 16.84 -16.53 2.52
C ILE A 4 15.71 -15.51 2.56
N PHE A 5 16.08 -14.23 2.53
CA PHE A 5 15.14 -13.10 2.58
C PHE A 5 14.08 -13.13 1.47
N LEU A 6 14.49 -13.23 0.21
CA LEU A 6 13.52 -13.29 -0.87
C LEU A 6 12.66 -14.53 -0.69
N ASN A 7 13.24 -15.58 -0.12
CA ASN A 7 12.51 -16.82 0.13
C ASN A 7 11.29 -16.51 0.95
N VAL A 8 11.53 -15.84 2.08
CA VAL A 8 10.48 -15.45 3.00
C VAL A 8 9.43 -14.56 2.34
N LEU A 9 9.87 -13.57 1.58
CA LEU A 9 8.94 -12.64 0.93
C LEU A 9 8.04 -13.33 -0.08
N GLU A 10 8.61 -14.26 -0.84
CA GLU A 10 7.84 -14.98 -1.85
C GLU A 10 6.84 -15.93 -1.22
N ALA A 11 7.21 -16.46 -0.06
CA ALA A 11 6.37 -17.40 0.67
C ALA A 11 5.19 -16.75 1.41
N ILE A 12 5.46 -15.61 2.04
CA ILE A 12 4.42 -14.93 2.82
C ILE A 12 3.56 -13.94 2.03
N GLU A 13 3.80 -13.86 0.73
CA GLU A 13 3.05 -12.94 -0.11
C GLU A 13 1.56 -13.30 -0.12
N PRO A 14 0.70 -12.34 0.24
CA PRO A 14 -0.75 -12.53 0.28
C PRO A 14 -1.39 -13.02 -1.01
N GLY A 15 -2.23 -14.04 -0.91
CA GLY A 15 -2.90 -14.54 -2.10
C GLY A 15 -4.02 -13.61 -2.54
N VAL A 16 -4.83 -14.08 -3.47
CA VAL A 16 -5.95 -13.32 -4.01
C VAL A 16 -7.03 -13.05 -2.97
N VAL A 17 -7.65 -11.88 -3.05
CA VAL A 17 -8.71 -11.48 -2.13
C VAL A 17 -9.89 -10.87 -2.88
N CYS A 18 -11.08 -11.42 -2.68
CA CYS A 18 -12.28 -10.92 -3.34
C CYS A 18 -12.97 -9.85 -2.48
N ALA A 19 -13.51 -8.82 -3.12
CA ALA A 19 -14.17 -7.75 -2.40
C ALA A 19 -15.61 -8.09 -2.03
N GLY A 20 -16.14 -9.15 -2.63
CA GLY A 20 -17.50 -9.55 -2.36
C GLY A 20 -18.48 -8.63 -3.07
N HIS A 21 -18.01 -7.99 -4.12
CA HIS A 21 -18.85 -7.08 -4.88
C HIS A 21 -19.82 -7.83 -5.75
N ASP A 22 -21.08 -7.42 -5.71
CA ASP A 22 -22.09 -8.05 -6.53
C ASP A 22 -22.13 -7.36 -7.89
N ASN A 23 -21.29 -7.81 -8.81
CA ASN A 23 -21.24 -7.22 -10.15
C ASN A 23 -22.57 -7.33 -10.88
N ASN A 24 -23.64 -7.48 -10.12
CA ASN A 24 -24.99 -7.59 -10.67
C ASN A 24 -25.67 -6.25 -10.48
N GLN A 25 -25.19 -5.50 -9.49
CA GLN A 25 -25.72 -4.17 -9.15
C GLN A 25 -25.15 -3.06 -10.04
N PRO A 26 -26.01 -2.15 -10.52
CA PRO A 26 -25.51 -1.06 -11.36
C PRO A 26 -24.41 -0.30 -10.63
N ASP A 27 -23.35 0.04 -11.35
CA ASP A 27 -22.23 0.76 -10.78
C ASP A 27 -22.63 2.13 -10.25
N SER A 28 -23.07 2.19 -9.00
CA SER A 28 -23.45 3.46 -8.39
C SER A 28 -22.33 3.87 -7.45
N PHE A 29 -22.38 5.10 -6.97
CA PHE A 29 -21.37 5.58 -6.04
C PHE A 29 -21.37 4.73 -4.77
N ALA A 30 -22.51 4.68 -4.09
CA ALA A 30 -22.64 3.93 -2.86
C ALA A 30 -22.20 2.46 -2.95
N ALA A 31 -22.59 1.80 -4.03
CA ALA A 31 -22.23 0.40 -4.20
C ALA A 31 -20.75 0.18 -4.46
N LEU A 32 -20.15 1.03 -5.29
CA LEU A 32 -18.74 0.90 -5.60
C LEU A 32 -17.88 1.14 -4.36
N LEU A 33 -18.08 2.28 -3.70
CA LEU A 33 -17.28 2.58 -2.52
C LEU A 33 -17.52 1.61 -1.36
N SER A 34 -18.76 1.20 -1.14
CA SER A 34 -19.03 0.25 -0.07
C SER A 34 -18.25 -1.04 -0.32
N SER A 35 -18.11 -1.43 -1.58
CA SER A 35 -17.38 -2.64 -1.92
C SER A 35 -15.87 -2.47 -1.73
N LEU A 36 -15.37 -1.26 -2.00
CA LEU A 36 -13.95 -0.97 -1.81
C LEU A 36 -13.65 -0.95 -0.31
N ASN A 37 -14.61 -0.49 0.48
CA ASN A 37 -14.41 -0.45 1.91
C ASN A 37 -14.35 -1.87 2.44
N GLU A 38 -15.17 -2.75 1.88
CA GLU A 38 -15.18 -4.15 2.28
C GLU A 38 -13.84 -4.74 1.89
N LEU A 39 -13.44 -4.48 0.66
CA LEU A 39 -12.17 -4.95 0.14
C LEU A 39 -11.06 -4.53 1.08
N GLY A 40 -11.07 -3.25 1.44
CA GLY A 40 -10.06 -2.71 2.33
C GLY A 40 -10.07 -3.39 3.67
N GLU A 41 -11.25 -3.58 4.24
CA GLU A 41 -11.35 -4.24 5.54
C GLU A 41 -10.77 -5.65 5.44
N ARG A 42 -11.22 -6.40 4.44
CA ARG A 42 -10.76 -7.76 4.21
C ARG A 42 -9.26 -7.79 3.94
N GLN A 43 -8.82 -6.97 3.00
CA GLN A 43 -7.43 -6.94 2.64
C GLN A 43 -6.57 -6.48 3.82
N LEU A 44 -7.18 -5.78 4.76
CA LEU A 44 -6.45 -5.31 5.94
C LEU A 44 -6.04 -6.49 6.81
N VAL A 45 -6.90 -7.51 6.83
CA VAL A 45 -6.64 -8.70 7.63
C VAL A 45 -5.39 -9.41 7.13
N HIS A 46 -5.27 -9.55 5.80
CA HIS A 46 -4.11 -10.19 5.23
C HIS A 46 -2.85 -9.36 5.52
N VAL A 47 -2.99 -8.04 5.41
CA VAL A 47 -1.84 -7.17 5.66
C VAL A 47 -1.29 -7.44 7.06
N VAL A 48 -2.18 -7.60 8.04
CA VAL A 48 -1.73 -7.85 9.39
C VAL A 48 -0.94 -9.17 9.52
N LYS A 49 -1.41 -10.23 8.87
CA LYS A 49 -0.74 -11.53 8.92
C LYS A 49 0.58 -11.50 8.17
N TRP A 50 0.59 -10.79 7.04
CA TRP A 50 1.76 -10.62 6.20
C TRP A 50 2.88 -9.98 7.02
N ALA A 51 2.59 -8.80 7.57
CA ALA A 51 3.54 -8.04 8.36
C ALA A 51 4.14 -8.83 9.51
N LYS A 52 3.28 -9.42 10.34
CA LYS A 52 3.74 -10.22 11.47
C LYS A 52 4.63 -11.39 11.04
N ALA A 53 4.67 -11.64 9.74
CA ALA A 53 5.48 -12.73 9.19
C ALA A 53 6.78 -12.19 8.58
N LEU A 54 6.89 -10.87 8.48
CA LEU A 54 8.08 -10.27 7.91
C LEU A 54 9.26 -10.45 8.84
N PRO A 55 10.46 -10.69 8.27
CA PRO A 55 11.61 -10.87 9.15
C PRO A 55 11.73 -9.70 10.10
N GLY A 56 12.04 -9.99 11.36
CA GLY A 56 12.22 -8.96 12.38
C GLY A 56 11.06 -8.08 12.79
N PHE A 57 9.93 -8.20 12.12
CA PHE A 57 8.80 -7.35 12.47
C PHE A 57 8.30 -7.55 13.90
N ARG A 58 8.17 -8.79 14.36
CA ARG A 58 7.69 -9.06 15.72
C ARG A 58 8.54 -8.41 16.81
N ASN A 59 9.84 -8.29 16.57
CA ASN A 59 10.75 -7.67 17.53
C ASN A 59 10.40 -6.22 17.84
N LEU A 60 9.79 -5.51 16.89
CA LEU A 60 9.38 -4.13 17.12
C LEU A 60 8.43 -4.15 18.30
N HIS A 61 8.29 -3.03 18.99
CA HIS A 61 7.37 -2.98 20.12
C HIS A 61 5.95 -3.28 19.63
N VAL A 62 5.14 -3.84 20.51
CA VAL A 62 3.77 -4.20 20.19
C VAL A 62 2.94 -3.03 19.68
N ASP A 63 3.05 -1.87 20.34
CA ASP A 63 2.29 -0.70 19.93
C ASP A 63 2.76 -0.19 18.58
N ASP A 64 4.07 -0.12 18.39
CA ASP A 64 4.61 0.36 17.14
C ASP A 64 4.19 -0.57 16.03
N GLN A 65 4.08 -1.86 16.32
CA GLN A 65 3.67 -2.81 15.31
C GLN A 65 2.29 -2.45 14.79
N MET A 66 1.39 -2.10 15.71
CA MET A 66 0.02 -1.74 15.35
C MET A 66 -0.07 -0.40 14.62
N ALA A 67 0.80 0.53 15.00
CA ALA A 67 0.86 1.85 14.41
C ALA A 67 1.36 1.82 12.95
N VAL A 68 2.52 1.22 12.71
CA VAL A 68 3.06 1.17 11.35
C VAL A 68 2.08 0.55 10.35
N ILE A 69 1.28 -0.40 10.81
CA ILE A 69 0.30 -1.04 9.94
C ILE A 69 -0.84 -0.09 9.67
N GLN A 70 -1.32 0.56 10.74
CA GLN A 70 -2.43 1.51 10.63
C GLN A 70 -2.06 2.76 9.86
N TYR A 71 -0.78 3.10 9.78
CA TYR A 71 -0.40 4.29 9.04
C TYR A 71 -0.10 3.98 7.58
N SER A 72 0.59 2.88 7.33
CA SER A 72 0.97 2.53 5.96
C SER A 72 0.10 1.54 5.18
N TRP A 73 -1.07 1.21 5.69
CA TRP A 73 -1.88 0.24 4.96
C TRP A 73 -2.33 0.76 3.60
N MET A 74 -2.70 2.03 3.54
CA MET A 74 -3.16 2.63 2.28
C MET A 74 -2.13 2.46 1.17
N GLY A 75 -0.93 2.95 1.44
CA GLY A 75 0.14 2.87 0.48
C GLY A 75 0.50 1.44 0.09
N LEU A 76 0.38 0.51 1.02
CA LEU A 76 0.69 -0.90 0.75
C LEU A 76 -0.32 -1.49 -0.19
N MET A 77 -1.60 -1.38 0.15
CA MET A 77 -2.66 -1.91 -0.68
C MET A 77 -2.66 -1.30 -2.08
N VAL A 78 -2.39 0.00 -2.15
CA VAL A 78 -2.33 0.72 -3.43
C VAL A 78 -1.15 0.20 -4.27
N PHE A 79 0.01 0.04 -3.65
CA PHE A 79 1.20 -0.44 -4.37
C PHE A 79 0.93 -1.82 -4.97
N ALA A 80 0.42 -2.73 -4.12
CA ALA A 80 0.11 -4.08 -4.53
C ALA A 80 -0.95 -4.03 -5.63
N MET A 81 -1.98 -3.21 -5.43
CA MET A 81 -3.04 -3.09 -6.42
C MET A 81 -2.41 -2.80 -7.80
N GLY A 82 -1.65 -1.72 -7.90
CA GLY A 82 -1.00 -1.37 -9.14
C GLY A 82 -0.20 -2.53 -9.73
N TRP A 83 0.35 -3.39 -8.88
CA TRP A 83 1.09 -4.53 -9.40
C TRP A 83 0.13 -5.50 -10.08
N ARG A 84 -0.99 -5.78 -9.41
CA ARG A 84 -2.01 -6.69 -9.94
C ARG A 84 -2.55 -6.18 -11.27
N SER A 85 -2.64 -4.86 -11.41
CA SER A 85 -3.16 -4.24 -12.62
C SER A 85 -2.18 -4.40 -13.76
N PHE A 86 -0.90 -4.28 -13.44
CA PHE A 86 0.15 -4.41 -14.42
C PHE A 86 0.25 -5.85 -14.91
N THR A 87 0.53 -6.75 -14.00
CA THR A 87 0.66 -8.16 -14.32
C THR A 87 -0.62 -8.74 -14.92
N ASN A 88 -1.77 -8.12 -14.67
CA ASN A 88 -3.04 -8.62 -15.20
C ASN A 88 -3.62 -7.78 -16.33
N VAL A 89 -4.64 -6.97 -16.01
CA VAL A 89 -5.29 -6.14 -17.02
C VAL A 89 -4.34 -5.27 -17.84
N ASN A 90 -3.03 -5.51 -17.69
CA ASN A 90 -2.00 -4.80 -18.43
C ASN A 90 -1.95 -3.28 -18.16
N SER A 91 -2.54 -2.86 -17.05
CA SER A 91 -2.59 -1.44 -16.65
C SER A 91 -3.70 -0.61 -17.30
N ARG A 92 -4.42 -1.17 -18.26
CA ARG A 92 -5.50 -0.43 -18.94
C ARG A 92 -6.58 -0.08 -17.92
N MET A 93 -6.77 -0.97 -16.96
CA MET A 93 -7.76 -0.79 -15.92
C MET A 93 -7.15 -1.09 -14.54
N LEU A 94 -7.88 -0.77 -13.48
CA LEU A 94 -7.40 -0.99 -12.12
C LEU A 94 -7.96 -2.26 -11.49
N TYR A 95 -7.15 -3.31 -11.49
CA TYR A 95 -7.54 -4.60 -10.95
C TYR A 95 -7.56 -4.62 -9.41
N PHE A 96 -8.61 -4.09 -8.81
CA PHE A 96 -8.71 -4.05 -7.35
C PHE A 96 -8.86 -5.44 -6.73
N ALA A 97 -9.78 -6.21 -7.29
CA ALA A 97 -10.06 -7.58 -6.84
C ALA A 97 -10.70 -8.26 -8.05
N PRO A 98 -10.63 -9.59 -8.11
CA PRO A 98 -11.22 -10.28 -9.25
C PRO A 98 -12.67 -9.86 -9.51
N ASP A 99 -13.41 -9.60 -8.43
CA ASP A 99 -14.81 -9.23 -8.53
C ASP A 99 -15.04 -7.72 -8.56
N LEU A 100 -13.97 -6.94 -8.66
CA LEU A 100 -14.11 -5.49 -8.66
C LEU A 100 -12.99 -4.84 -9.47
N VAL A 101 -13.14 -4.89 -10.80
CA VAL A 101 -12.16 -4.31 -11.70
C VAL A 101 -12.74 -3.02 -12.24
N PHE A 102 -12.01 -1.91 -12.07
CA PHE A 102 -12.50 -0.61 -12.54
C PHE A 102 -12.16 -0.32 -13.97
N ASN A 103 -13.15 0.24 -14.68
CA ASN A 103 -12.97 0.66 -16.06
C ASN A 103 -13.17 2.17 -16.02
N GLU A 104 -13.11 2.83 -17.18
CA GLU A 104 -13.29 4.28 -17.24
C GLU A 104 -14.60 4.71 -16.56
N TYR A 105 -15.67 3.97 -16.85
CA TYR A 105 -16.97 4.28 -16.29
C TYR A 105 -16.97 4.25 -14.76
N ARG A 106 -16.54 3.13 -14.18
CA ARG A 106 -16.50 3.00 -12.73
C ARG A 106 -15.61 4.07 -12.08
N MET A 107 -14.56 4.48 -12.79
CA MET A 107 -13.66 5.50 -12.27
C MET A 107 -14.42 6.82 -12.08
N HIS A 108 -15.34 7.07 -13.00
CA HIS A 108 -16.14 8.28 -12.92
C HIS A 108 -17.21 8.16 -11.85
N LYS A 109 -17.91 7.03 -11.83
CA LYS A 109 -18.97 6.82 -10.85
C LYS A 109 -18.51 6.77 -9.41
N SER A 110 -17.24 6.42 -9.19
CA SER A 110 -16.67 6.34 -7.83
C SER A 110 -16.34 7.73 -7.27
N ARG A 111 -16.45 8.74 -8.11
CA ARG A 111 -16.19 10.13 -7.73
C ARG A 111 -14.73 10.36 -7.33
N MET A 112 -13.84 9.56 -7.90
CA MET A 112 -12.42 9.70 -7.64
C MET A 112 -11.66 9.36 -8.92
N TYR A 113 -12.07 9.96 -10.02
CA TYR A 113 -11.42 9.70 -11.28
C TYR A 113 -9.95 10.10 -11.28
N SER A 114 -9.64 11.31 -10.84
CA SER A 114 -8.26 11.76 -10.85
C SER A 114 -7.33 10.83 -10.09
N GLN A 115 -7.72 10.43 -8.88
CA GLN A 115 -6.89 9.52 -8.08
C GLN A 115 -6.62 8.21 -8.82
N CYS A 116 -7.66 7.67 -9.46
CA CYS A 116 -7.56 6.43 -10.22
C CYS A 116 -6.56 6.59 -11.34
N VAL A 117 -6.49 7.79 -11.91
CA VAL A 117 -5.55 8.05 -12.98
C VAL A 117 -4.15 7.92 -12.42
N ARG A 118 -3.90 8.53 -11.26
CA ARG A 118 -2.58 8.48 -10.64
C ARG A 118 -2.20 7.03 -10.33
N MET A 119 -3.19 6.26 -9.89
CA MET A 119 -2.94 4.86 -9.59
C MET A 119 -2.63 4.11 -10.89
N ARG A 120 -3.38 4.39 -11.95
CA ARG A 120 -3.11 3.71 -13.20
C ARG A 120 -1.68 4.04 -13.65
N HIS A 121 -1.25 5.29 -13.48
CA HIS A 121 0.10 5.71 -13.86
C HIS A 121 1.15 4.94 -13.06
N LEU A 122 0.91 4.85 -11.75
CA LEU A 122 1.78 4.13 -10.85
C LEU A 122 1.88 2.72 -11.39
N SER A 123 0.72 2.16 -11.74
CA SER A 123 0.65 0.83 -12.29
C SER A 123 1.54 0.74 -13.53
N GLN A 124 1.46 1.75 -14.39
CA GLN A 124 2.25 1.76 -15.61
C GLN A 124 3.75 1.81 -15.33
N GLU A 125 4.13 2.45 -14.24
CA GLU A 125 5.55 2.51 -13.92
C GLU A 125 6.20 1.12 -13.79
N PHE A 126 5.45 0.15 -13.29
CA PHE A 126 6.00 -1.20 -13.15
C PHE A 126 6.49 -1.69 -14.50
N GLY A 127 5.81 -1.26 -15.57
CA GLY A 127 6.20 -1.66 -16.90
C GLY A 127 7.41 -0.86 -17.37
N TRP A 128 7.27 0.46 -17.37
CA TRP A 128 8.35 1.35 -17.80
C TRP A 128 9.70 0.99 -17.20
N LEU A 129 9.71 0.75 -15.90
CA LEU A 129 10.94 0.42 -15.18
C LEU A 129 11.29 -1.07 -15.24
N GLN A 130 10.37 -1.88 -15.76
CA GLN A 130 10.58 -3.33 -15.86
C GLN A 130 10.94 -3.89 -14.49
N ILE A 131 10.11 -3.55 -13.52
CA ILE A 131 10.31 -3.99 -12.15
C ILE A 131 10.16 -5.49 -12.05
N THR A 132 11.22 -6.19 -11.69
CA THR A 132 11.12 -7.64 -11.56
C THR A 132 10.34 -7.96 -10.31
N PRO A 133 9.75 -9.17 -10.25
CA PRO A 133 8.99 -9.57 -9.08
C PRO A 133 9.76 -9.47 -7.76
N GLN A 134 11.06 -9.72 -7.77
CA GLN A 134 11.82 -9.62 -6.53
C GLN A 134 11.86 -8.17 -6.08
N GLU A 135 12.05 -7.25 -7.02
CA GLU A 135 12.12 -5.83 -6.69
C GLU A 135 10.79 -5.39 -6.08
N PHE A 136 9.71 -5.88 -6.65
CA PHE A 136 8.38 -5.53 -6.18
C PHE A 136 8.23 -5.89 -4.71
N LEU A 137 8.56 -7.13 -4.37
CA LEU A 137 8.43 -7.60 -3.01
C LEU A 137 9.20 -6.74 -2.02
N CYS A 138 10.48 -6.52 -2.28
CA CYS A 138 11.28 -5.70 -1.37
C CYS A 138 10.68 -4.33 -1.19
N MET A 139 10.37 -3.65 -2.30
CA MET A 139 9.80 -2.31 -2.22
C MET A 139 8.53 -2.29 -1.39
N LYS A 140 7.67 -3.28 -1.60
CA LYS A 140 6.43 -3.34 -0.85
C LYS A 140 6.73 -3.49 0.63
N ALA A 141 7.72 -4.33 0.96
CA ALA A 141 8.07 -4.54 2.36
C ALA A 141 8.53 -3.21 2.96
N LEU A 142 9.36 -2.48 2.21
CA LEU A 142 9.86 -1.17 2.63
C LEU A 142 8.73 -0.18 2.94
N LEU A 143 7.66 -0.25 2.17
CA LEU A 143 6.55 0.65 2.38
C LEU A 143 5.96 0.59 3.78
N LEU A 144 5.94 -0.59 4.39
CA LEU A 144 5.41 -0.75 5.74
C LEU A 144 6.21 0.13 6.70
N PHE A 145 7.50 0.31 6.39
CA PHE A 145 8.41 1.11 7.20
C PHE A 145 8.66 2.48 6.60
N SER A 146 7.68 3.03 5.90
CA SER A 146 7.89 4.34 5.28
C SER A 146 7.02 5.47 5.78
N ILE A 147 6.28 5.25 6.85
CA ILE A 147 5.45 6.31 7.41
C ILE A 147 5.36 6.14 8.92
N ILE A 148 5.67 7.22 9.64
CA ILE A 148 5.67 7.20 11.10
C ILE A 148 5.29 8.55 11.71
N PRO A 149 4.98 8.56 13.03
CA PRO A 149 4.61 9.81 13.71
C PRO A 149 5.82 10.69 13.94
N VAL A 150 5.64 11.99 13.77
CA VAL A 150 6.72 12.94 13.96
C VAL A 150 7.37 12.82 15.33
N ASP A 151 6.55 12.54 16.35
CA ASP A 151 7.04 12.39 17.71
C ASP A 151 7.98 11.20 17.81
N GLY A 152 7.73 10.18 16.99
CA GLY A 152 8.55 8.99 17.00
C GLY A 152 7.81 7.79 17.59
N LEU A 153 8.33 6.60 17.35
CA LEU A 153 7.71 5.37 17.84
C LEU A 153 8.17 5.10 19.27
N LYS A 154 7.58 4.09 19.92
CA LYS A 154 7.98 3.76 21.28
C LYS A 154 9.45 3.37 21.32
N ASN A 155 9.86 2.56 20.35
CA ASN A 155 11.24 2.15 20.25
C ASN A 155 11.73 2.47 18.86
N GLN A 156 12.02 3.76 18.62
CA GLN A 156 12.51 4.21 17.32
C GLN A 156 13.83 3.53 16.98
N LYS A 157 14.63 3.30 18.01
CA LYS A 157 15.93 2.70 17.84
C LYS A 157 15.87 1.45 16.98
N PHE A 158 15.01 0.51 17.37
CA PHE A 158 14.90 -0.73 16.62
C PHE A 158 14.22 -0.54 15.27
N PHE A 159 13.37 0.47 15.15
CA PHE A 159 12.70 0.74 13.89
C PHE A 159 13.72 1.22 12.86
N ASP A 160 14.55 2.17 13.25
CA ASP A 160 15.54 2.69 12.33
C ASP A 160 16.44 1.57 11.80
N GLU A 161 16.82 0.66 12.69
CA GLU A 161 17.66 -0.45 12.30
C GLU A 161 16.93 -1.45 11.40
N LEU A 162 15.67 -1.73 11.72
CA LEU A 162 14.95 -2.66 10.90
C LEU A 162 14.80 -2.03 9.52
N ARG A 163 14.42 -0.75 9.47
CA ARG A 163 14.24 -0.08 8.19
C ARG A 163 15.53 -0.13 7.39
N MET A 164 16.62 0.24 8.04
CA MET A 164 17.92 0.25 7.40
C MET A 164 18.24 -1.08 6.74
N ASN A 165 17.88 -2.17 7.42
CA ASN A 165 18.14 -3.51 6.89
C ASN A 165 17.35 -3.81 5.62
N TYR A 166 16.05 -3.52 5.63
CA TYR A 166 15.28 -3.78 4.44
C TYR A 166 15.87 -3.02 3.27
N ILE A 167 16.38 -1.83 3.53
CA ILE A 167 16.97 -1.06 2.44
C ILE A 167 18.18 -1.82 1.88
N LYS A 168 19.03 -2.34 2.76
CA LYS A 168 20.19 -3.09 2.31
C LYS A 168 19.69 -4.21 1.40
N GLU A 169 18.67 -4.92 1.87
CA GLU A 169 18.08 -6.01 1.11
C GLU A 169 17.67 -5.54 -0.28
N LEU A 170 17.12 -4.34 -0.37
CA LEU A 170 16.71 -3.80 -1.66
C LEU A 170 17.93 -3.68 -2.57
N ASP A 171 18.98 -3.04 -2.05
CA ASP A 171 20.21 -2.86 -2.80
C ASP A 171 20.74 -4.25 -3.22
N ARG A 172 20.76 -5.17 -2.27
CA ARG A 172 21.22 -6.51 -2.50
C ARG A 172 20.51 -7.08 -3.73
N ILE A 173 19.19 -6.92 -3.77
CA ILE A 173 18.40 -7.41 -4.89
C ILE A 173 18.87 -6.79 -6.20
N ILE A 174 18.94 -5.46 -6.25
CA ILE A 174 19.38 -4.77 -7.46
C ILE A 174 20.73 -5.28 -7.98
N ALA A 175 21.77 -5.16 -7.14
CA ALA A 175 23.12 -5.58 -7.49
C ALA A 175 23.32 -7.08 -7.68
N CYS A 176 22.32 -7.75 -8.28
CA CYS A 176 22.41 -9.19 -8.52
C CYS A 176 22.20 -9.52 -10.01
N LYS A 177 22.50 -8.54 -10.86
CA LYS A 177 22.37 -8.73 -12.31
C LYS A 177 23.25 -7.72 -13.04
N ARG A 178 23.53 -6.62 -12.35
CA ARG A 178 24.36 -5.57 -12.92
C ARG A 178 25.81 -5.88 -12.59
N LYS A 179 26.72 -5.15 -13.23
CA LYS A 179 28.15 -5.34 -13.02
C LYS A 179 28.80 -3.95 -12.97
N ASN A 180 28.22 -3.02 -13.74
CA ASN A 180 28.66 -1.64 -13.83
C ASN A 180 28.44 -0.86 -12.54
N PRO A 181 29.25 0.20 -12.32
CA PRO A 181 29.12 1.04 -11.11
C PRO A 181 27.91 1.97 -11.27
N THR A 182 27.65 2.33 -12.53
CA THR A 182 26.54 3.23 -12.89
C THR A 182 25.21 2.47 -12.96
N SER A 183 25.26 1.24 -13.46
CA SER A 183 24.07 0.42 -13.61
C SER A 183 23.26 0.24 -12.31
N CYS A 184 23.88 -0.38 -11.31
CA CYS A 184 23.24 -0.61 -10.02
C CYS A 184 22.81 0.72 -9.38
N SER A 185 23.66 1.73 -9.51
CA SER A 185 23.40 3.05 -8.95
C SER A 185 22.13 3.70 -9.51
N ARG A 186 21.98 3.73 -10.82
CA ARG A 186 20.80 4.35 -11.42
C ARG A 186 19.54 3.55 -11.14
N ARG A 187 19.68 2.23 -11.03
CA ARG A 187 18.52 1.41 -10.76
C ARG A 187 17.95 1.79 -9.40
N PHE A 188 18.84 1.92 -8.42
CA PHE A 188 18.44 2.28 -7.07
C PHE A 188 17.70 3.62 -7.04
N TYR A 189 18.14 4.53 -7.91
CA TYR A 189 17.54 5.85 -8.01
C TYR A 189 16.09 5.76 -8.50
N GLN A 190 15.86 4.92 -9.51
CA GLN A 190 14.52 4.76 -10.06
C GLN A 190 13.55 4.24 -8.97
N LEU A 191 13.92 3.13 -8.34
CA LEU A 191 13.09 2.51 -7.32
C LEU A 191 12.77 3.40 -6.11
N THR A 192 13.80 4.01 -5.53
CA THR A 192 13.59 4.89 -4.39
C THR A 192 12.63 6.03 -4.77
N LYS A 193 12.61 6.37 -6.05
CA LYS A 193 11.71 7.41 -6.54
C LYS A 193 10.32 6.78 -6.67
N LEU A 194 10.28 5.60 -7.28
CA LEU A 194 9.03 4.91 -7.46
C LEU A 194 8.37 4.80 -6.09
N LEU A 195 9.18 4.47 -5.09
CA LEU A 195 8.65 4.36 -3.73
C LEU A 195 8.10 5.69 -3.22
N ASP A 196 8.87 6.78 -3.36
CA ASP A 196 8.42 8.09 -2.91
C ASP A 196 7.10 8.50 -3.54
N SER A 197 6.94 8.20 -4.82
CA SER A 197 5.74 8.57 -5.54
C SER A 197 4.45 7.89 -5.05
N VAL A 198 4.58 6.86 -4.22
CA VAL A 198 3.42 6.16 -3.68
C VAL A 198 2.78 7.05 -2.62
N GLN A 199 3.62 7.74 -1.87
CA GLN A 199 3.17 8.62 -0.81
C GLN A 199 2.11 9.66 -1.20
N PRO A 200 2.39 10.50 -2.20
CA PRO A 200 1.41 11.52 -2.62
C PRO A 200 0.06 10.92 -3.00
N ILE A 201 0.09 9.74 -3.60
CA ILE A 201 -1.13 9.06 -3.99
C ILE A 201 -1.88 8.61 -2.74
N ALA A 202 -1.20 7.93 -1.83
CA ALA A 202 -1.81 7.47 -0.59
C ALA A 202 -2.45 8.64 0.13
N ARG A 203 -1.75 9.76 0.13
CA ARG A 203 -2.24 10.96 0.82
C ARG A 203 -3.55 11.49 0.24
N GLU A 204 -3.77 11.27 -1.04
CA GLU A 204 -5.01 11.75 -1.66
C GLU A 204 -6.16 10.83 -1.28
N LEU A 205 -5.87 9.55 -1.15
CA LEU A 205 -6.91 8.60 -0.79
C LEU A 205 -7.26 8.73 0.68
N HIS A 206 -6.29 9.07 1.52
CA HIS A 206 -6.53 9.24 2.95
C HIS A 206 -7.54 10.39 3.06
N GLN A 207 -7.22 11.49 2.42
CA GLN A 207 -8.08 12.66 2.42
C GLN A 207 -9.46 12.22 1.92
N PHE A 208 -9.48 11.63 0.73
CA PHE A 208 -10.72 11.18 0.14
C PHE A 208 -11.57 10.29 1.05
N THR A 209 -10.99 9.20 1.54
CA THR A 209 -11.75 8.29 2.38
C THR A 209 -12.22 8.99 3.65
N PHE A 210 -11.38 9.87 4.20
CA PHE A 210 -11.73 10.61 5.40
C PHE A 210 -12.98 11.45 5.19
N ASP A 211 -13.01 12.23 4.11
CA ASP A 211 -14.17 13.04 3.83
C ASP A 211 -15.37 12.13 3.60
N LEU A 212 -15.15 11.04 2.86
CA LEU A 212 -16.21 10.09 2.57
C LEU A 212 -16.81 9.54 3.85
N LEU A 213 -15.96 9.27 4.83
CA LEU A 213 -16.43 8.72 6.10
C LEU A 213 -17.34 9.70 6.81
N ILE A 214 -16.89 10.95 6.93
CA ILE A 214 -17.65 12.00 7.60
C ILE A 214 -19.06 12.12 7.05
N LYS A 215 -19.18 12.13 5.73
CA LYS A 215 -20.48 12.24 5.09
C LYS A 215 -20.94 10.90 4.57
N SER A 216 -20.56 9.84 5.28
CA SER A 216 -20.91 8.46 4.93
C SER A 216 -22.41 8.20 5.01
N HIS A 217 -23.07 8.76 6.02
CA HIS A 217 -24.51 8.56 6.16
C HIS A 217 -25.28 9.42 5.15
N MET A 218 -24.70 10.54 4.74
CA MET A 218 -25.34 11.41 3.77
C MET A 218 -25.34 10.77 2.38
N VAL A 219 -24.32 9.97 2.09
CA VAL A 219 -24.22 9.33 0.76
C VAL A 219 -24.48 7.84 0.77
N SER A 220 -24.91 7.31 1.92
CA SER A 220 -25.20 5.90 2.04
C SER A 220 -24.01 4.97 1.75
N VAL A 221 -22.84 5.31 2.31
CA VAL A 221 -21.66 4.47 2.12
C VAL A 221 -21.32 3.83 3.46
N ASP A 222 -21.16 2.51 3.45
CA ASP A 222 -20.87 1.78 4.68
C ASP A 222 -19.41 1.43 4.88
N PHE A 223 -18.91 1.70 6.07
CA PHE A 223 -17.52 1.41 6.41
C PHE A 223 -17.48 0.30 7.45
N PRO A 224 -16.78 -0.81 7.15
CA PRO A 224 -16.69 -1.92 8.10
C PRO A 224 -16.13 -1.47 9.45
N GLU A 225 -16.36 -2.29 10.48
CA GLU A 225 -15.90 -1.98 11.82
C GLU A 225 -14.51 -1.33 11.92
N MET A 226 -13.46 -2.08 11.55
CA MET A 226 -12.09 -1.58 11.63
C MET A 226 -11.75 -0.42 10.71
N MET A 227 -12.21 -0.49 9.46
CA MET A 227 -11.93 0.57 8.51
C MET A 227 -12.42 1.92 9.04
N ALA A 228 -13.59 1.90 9.68
CA ALA A 228 -14.14 3.13 10.22
C ALA A 228 -13.31 3.62 11.39
N GLU A 229 -12.90 2.68 12.23
CA GLU A 229 -12.11 3.03 13.41
C GLU A 229 -10.74 3.59 13.07
N ILE A 230 -10.12 3.02 12.03
CA ILE A 230 -8.79 3.46 11.62
C ILE A 230 -8.80 4.80 10.92
N ILE A 231 -9.77 4.98 10.04
CA ILE A 231 -9.86 6.22 9.29
C ILE A 231 -10.17 7.43 10.19
N SER A 232 -10.84 7.19 11.31
CA SER A 232 -11.19 8.27 12.23
C SER A 232 -10.17 8.53 13.34
N VAL A 233 -9.27 7.58 13.58
CA VAL A 233 -8.26 7.75 14.63
C VAL A 233 -6.83 7.91 14.10
N GLN A 234 -6.43 7.09 13.13
CA GLN A 234 -5.07 7.17 12.61
C GLN A 234 -4.95 8.12 11.43
N VAL A 235 -5.77 7.93 10.41
CA VAL A 235 -5.71 8.77 9.23
C VAL A 235 -5.65 10.25 9.57
N PRO A 236 -6.50 10.71 10.52
CA PRO A 236 -6.51 12.13 10.90
C PRO A 236 -5.13 12.64 11.35
N LYS A 237 -4.30 11.76 11.90
CA LYS A 237 -2.98 12.16 12.35
C LYS A 237 -2.10 12.45 11.14
N ILE A 238 -2.33 11.72 10.05
CA ILE A 238 -1.55 11.93 8.82
C ILE A 238 -1.97 13.22 8.14
N LEU A 239 -3.28 13.42 8.04
CA LEU A 239 -3.80 14.60 7.42
C LEU A 239 -3.48 15.85 8.22
N SER A 240 -3.32 15.69 9.53
CA SER A 240 -3.02 16.81 10.41
C SER A 240 -1.52 16.97 10.56
N GLY A 241 -0.77 16.12 9.89
CA GLY A 241 0.68 16.22 9.98
C GLY A 241 1.36 15.63 11.20
N LYS A 242 0.66 14.90 12.06
CA LYS A 242 1.30 14.30 13.24
C LYS A 242 2.06 13.03 12.84
N VAL A 243 1.65 12.43 11.71
CA VAL A 243 2.29 11.25 11.18
C VAL A 243 2.70 11.66 9.78
N LYS A 244 3.95 11.41 9.41
CA LYS A 244 4.41 11.80 8.10
C LYS A 244 5.24 10.72 7.41
N PRO A 245 5.13 10.62 6.08
CA PRO A 245 5.88 9.62 5.31
C PRO A 245 7.38 9.89 5.40
N ILE A 246 8.20 8.85 5.24
CA ILE A 246 9.66 9.00 5.26
C ILE A 246 10.08 8.90 3.79
N TYR A 247 10.43 10.03 3.18
CA TYR A 247 10.82 10.07 1.78
C TYR A 247 12.31 9.83 1.56
N PHE A 248 12.67 9.25 0.41
CA PHE A 248 14.07 9.02 0.14
C PHE A 248 14.73 10.32 -0.31
N HIS A 249 14.09 10.99 -1.25
CA HIS A 249 14.59 12.25 -1.78
C HIS A 249 13.78 13.38 -1.23
N THR A 250 14.19 14.60 -1.51
CA THR A 250 13.48 15.77 -1.03
C THR A 250 13.06 16.69 -2.16
N LYS B 1 -4.36 -6.44 19.21
CA LYS B 1 -5.74 -6.11 19.53
C LYS B 1 -6.75 -6.87 18.66
N LEU B 2 -8.03 -6.48 18.76
CA LEU B 2 -9.15 -7.08 18.01
C LEU B 2 -8.70 -7.77 16.73
N LEU B 3 -7.78 -7.14 15.99
CA LEU B 3 -7.23 -7.69 14.75
C LEU B 3 -5.73 -7.46 14.72
N PHE B 4 -5.02 -8.27 15.50
CA PHE B 4 -3.57 -8.18 15.60
C PHE B 4 -2.97 -9.49 16.11
#